data_2Q6F
#
_entry.id   2Q6F
#
_cell.length_a   53.175
_cell.length_b   54.502
_cell.length_c   66.719
_cell.angle_alpha   111.06
_cell.angle_beta   104.31
_cell.angle_gamma   91.33
#
_symmetry.space_group_name_H-M   'P 1'
#
loop_
_entity.id
_entity.type
_entity.pdbx_description
1 polymer 'Infectious bronchitis virus (IBV) main protease'
2 polymer N-[(5-METHYLISOXAZOL-3-YL)CARBONYL]ALANYL-L-VALYL-N~1~-((1R,2Z)-4-(BENZYLOXY)-4-OXO-1-{[(3R)-2-OXOPYRROLIDIN-3-YL]METHYL}BUT-2-ENYL)-L-LEUCINAMIDE
3 water water
#
loop_
_entity_poly.entity_id
_entity_poly.type
_entity_poly.pdbx_seq_one_letter_code
_entity_poly.pdbx_strand_id
1 'polypeptide(L)'
;GSSGFKKLVSPSSAVEKCIVSVSYRGNNLNGLWLGDSIYCPRHVLGKFSGDQWGDVLNLANNHEFEVVTQNGVTLNVVSR
RLKGAVLILQTAVANAETPKYKFVKANCGDSFTIACSYGGTVIGLYPVTMRSNGTIRASFLAGACGSVGFNIEKGVVNFF
YMHHLELPNALHTGTDLMGEFYGGYVDEEVAQRVPPDNLVTNNIVAWLYAAIISVKESSFSQPKWLESTTVSIEDYNRWA
SDNGFTPFSTSTAITKLSAITGVDVCKLLRTIMVKSAQWGSDPILGQYNFEDELTPESVFNQVGGVRLQ
;
A,B
2 'polypeptide(L)' (02J)AVL(PJE)(010) D,C
#
loop_
_chem_comp.id
_chem_comp.type
_chem_comp.name
_chem_comp.formula
010 non-polymer phenylmethanol 'C7 H8 O'
02J peptide-like '5-methyl-1,2-oxazole-3-carboxylic acid' 'C5 H5 N O3'
PJE peptide-like '(E,4S)-4-azanyl-5-[(3S)-2-oxidanylidenepyrrolidin-3-yl]pent-2-enoic acid' 'C9 H14 N2 O3'
#
# COMPACT_ATOMS: atom_id res chain seq x y z
N SER A 3 -2.36 -16.76 7.11
CA SER A 3 -2.21 -15.43 7.77
C SER A 3 -1.94 -14.37 6.70
N GLY A 4 -0.81 -14.51 6.02
CA GLY A 4 -0.42 -13.58 4.97
C GLY A 4 0.43 -12.42 5.44
N PHE A 5 1.42 -12.04 4.64
CA PHE A 5 2.30 -10.92 4.97
C PHE A 5 2.21 -9.88 3.86
N LYS A 6 1.93 -8.64 4.25
CA LYS A 6 1.78 -7.55 3.32
C LYS A 6 2.55 -6.32 3.84
N LYS A 7 2.83 -5.37 2.95
CA LYS A 7 3.51 -4.14 3.35
C LYS A 7 2.36 -3.17 3.55
N LEU A 8 2.05 -2.91 4.81
CA LEU A 8 0.94 -2.03 5.13
C LEU A 8 1.26 -0.56 5.06
N VAL A 9 0.20 0.21 4.84
CA VAL A 9 0.23 1.66 4.76
C VAL A 9 -0.59 2.12 5.96
N SER A 10 -0.28 3.29 6.50
CA SER A 10 -1.05 3.80 7.63
C SER A 10 -2.36 4.42 7.15
N PRO A 11 -3.42 4.29 7.96
CA PRO A 11 -4.69 4.89 7.52
C PRO A 11 -4.37 6.39 7.34
N SER A 12 -5.13 7.08 6.51
CA SER A 12 -4.80 8.48 6.23
C SER A 12 -5.75 9.56 6.69
N SER A 13 -6.78 9.18 7.45
CA SER A 13 -7.74 10.17 7.92
C SER A 13 -7.10 11.40 8.56
N ALA A 14 -6.23 11.17 9.54
CA ALA A 14 -5.59 12.27 10.23
C ALA A 14 -4.74 13.17 9.34
N VAL A 15 -3.94 12.57 8.46
CA VAL A 15 -3.07 13.34 7.59
C VAL A 15 -3.84 14.14 6.53
N GLU A 16 -4.91 13.57 5.98
CA GLU A 16 -5.70 14.25 4.94
C GLU A 16 -6.22 15.63 5.34
N LYS A 17 -6.56 15.79 6.61
CA LYS A 17 -7.06 17.08 7.12
C LYS A 17 -5.96 18.15 7.18
N CYS A 18 -4.71 17.74 7.09
CA CYS A 18 -3.60 18.70 7.16
C CYS A 18 -2.98 19.07 5.82
N ILE A 19 -3.40 18.41 4.74
CA ILE A 19 -2.82 18.72 3.44
C ILE A 19 -3.51 19.91 2.80
N VAL A 20 -2.70 20.87 2.35
CA VAL A 20 -3.21 22.08 1.71
C VAL A 20 -2.49 22.43 0.41
N SER A 21 -3.13 23.26 -0.39
CA SER A 21 -2.54 23.71 -1.65
C SER A 21 -1.77 25.01 -1.41
N VAL A 22 -0.55 25.09 -1.95
CA VAL A 22 0.27 26.30 -1.80
C VAL A 22 0.77 26.75 -3.18
N SER A 23 0.48 28.01 -3.53
CA SER A 23 0.90 28.58 -4.81
C SER A 23 1.61 29.92 -4.62
N TYR A 24 2.63 30.15 -5.44
CA TYR A 24 3.40 31.39 -5.42
C TYR A 24 3.84 31.64 -6.85
N ARG A 25 3.50 32.80 -7.38
CA ARG A 25 3.85 33.19 -8.74
C ARG A 25 3.72 32.09 -9.79
N GLY A 26 2.59 31.39 -9.75
CA GLY A 26 2.35 30.33 -10.72
C GLY A 26 2.82 28.96 -10.31
N ASN A 27 3.70 28.89 -9.31
CA ASN A 27 4.21 27.61 -8.82
C ASN A 27 3.21 27.07 -7.80
N ASN A 28 2.68 25.87 -8.03
CA ASN A 28 1.75 25.32 -7.07
C ASN A 28 2.17 23.92 -6.67
N LEU A 29 2.09 23.66 -5.38
CA LEU A 29 2.45 22.36 -4.84
C LEU A 29 1.68 22.11 -3.54
N ASN A 30 2.10 21.10 -2.78
CA ASN A 30 1.39 20.74 -1.57
C ASN A 30 2.06 21.24 -0.27
N GLY A 31 1.22 21.54 0.72
CA GLY A 31 1.74 22.02 1.99
C GLY A 31 1.21 21.16 3.14
N LEU A 32 1.84 21.29 4.31
CA LEU A 32 1.43 20.54 5.50
C LEU A 32 0.94 21.61 6.48
N TRP A 33 -0.32 21.52 6.90
CA TRP A 33 -0.93 22.50 7.80
C TRP A 33 -1.12 21.96 9.21
N LEU A 34 -0.26 22.41 10.13
CA LEU A 34 -0.31 21.98 11.53
C LEU A 34 -0.34 23.24 12.40
N GLY A 35 -1.30 23.31 13.32
CA GLY A 35 -1.41 24.49 14.16
C GLY A 35 -1.57 25.71 13.25
N ASP A 36 -0.75 26.73 13.46
CA ASP A 36 -0.83 27.91 12.62
C ASP A 36 0.34 28.00 11.66
N SER A 37 0.89 26.84 11.29
CA SER A 37 2.03 26.79 10.38
C SER A 37 1.74 25.93 9.16
N ILE A 38 2.33 26.31 8.04
CA ILE A 38 2.19 25.55 6.81
C ILE A 38 3.61 25.27 6.33
N TYR A 39 3.94 23.99 6.13
CA TYR A 39 5.26 23.60 5.68
C TYR A 39 5.19 23.13 4.23
N CYS A 40 6.18 23.51 3.43
CA CYS A 40 6.23 23.13 2.00
C CYS A 40 7.64 23.35 1.47
N PRO A 41 7.98 22.75 0.32
CA PRO A 41 9.31 22.92 -0.27
C PRO A 41 9.61 24.38 -0.60
N ARG A 42 10.81 24.84 -0.30
CA ARG A 42 11.16 26.21 -0.61
C ARG A 42 11.22 26.47 -2.12
N HIS A 43 11.41 25.43 -2.94
CA HIS A 43 11.47 25.68 -4.37
C HIS A 43 10.14 26.16 -4.95
N VAL A 44 9.14 26.34 -4.08
CA VAL A 44 7.86 26.88 -4.53
C VAL A 44 8.12 28.36 -4.89
N LEU A 45 9.28 28.85 -4.45
CA LEU A 45 9.69 30.22 -4.72
C LEU A 45 10.34 30.37 -6.09
N GLY A 46 10.79 29.26 -6.66
CA GLY A 46 11.45 29.29 -7.96
C GLY A 46 12.69 28.43 -7.91
N LYS A 47 13.41 28.31 -9.03
CA LYS A 47 14.62 27.48 -9.09
C LYS A 47 15.89 28.26 -8.77
N PHE A 48 16.26 28.32 -7.49
CA PHE A 48 17.46 29.05 -7.09
C PHE A 48 18.53 28.14 -6.52
N SER A 49 19.55 28.72 -5.89
CA SER A 49 20.63 27.94 -5.32
C SER A 49 21.44 28.72 -4.28
N GLY A 50 22.26 28.00 -3.52
CA GLY A 50 23.09 28.65 -2.50
C GLY A 50 22.34 29.56 -1.55
N ASP A 51 22.80 30.81 -1.45
CA ASP A 51 22.20 31.80 -0.57
C ASP A 51 21.06 32.60 -1.18
N GLN A 52 20.80 32.36 -2.47
CA GLN A 52 19.73 33.10 -3.13
C GLN A 52 18.39 32.96 -2.41
N TRP A 53 18.11 31.78 -1.89
CA TRP A 53 16.84 31.52 -1.23
C TRP A 53 16.42 32.59 -0.21
N GLY A 54 17.30 32.88 0.74
CA GLY A 54 16.98 33.87 1.76
C GLY A 54 16.66 35.24 1.21
N ASP A 55 17.42 35.66 0.21
CA ASP A 55 17.24 36.96 -0.42
C ASP A 55 15.91 37.01 -1.17
N VAL A 56 15.61 35.93 -1.88
CA VAL A 56 14.36 35.85 -2.62
C VAL A 56 13.17 35.95 -1.67
N LEU A 57 13.23 35.21 -0.56
CA LEU A 57 12.15 35.23 0.41
C LEU A 57 12.03 36.62 1.05
N ASN A 58 13.14 37.29 1.25
CA ASN A 58 13.08 38.62 1.84
C ASN A 58 12.33 39.58 0.94
N LEU A 59 12.49 39.44 -0.37
CA LEU A 59 11.82 40.31 -1.33
C LEU A 59 10.37 39.93 -1.63
N ALA A 60 9.93 38.77 -1.15
CA ALA A 60 8.57 38.30 -1.38
C ALA A 60 7.56 38.91 -0.41
N ASN A 61 6.30 38.92 -0.82
CA ASN A 61 5.21 39.46 0.00
C ASN A 61 4.36 38.31 0.52
N ASN A 62 3.89 38.41 1.77
CA ASN A 62 3.05 37.38 2.35
C ASN A 62 1.77 37.16 1.54
N HIS A 63 1.22 38.23 0.96
CA HIS A 63 -0.01 38.06 0.20
C HIS A 63 0.19 37.40 -1.16
N GLU A 64 1.44 37.17 -1.56
CA GLU A 64 1.73 36.51 -2.83
C GLU A 64 1.50 35.01 -2.67
N PHE A 65 1.61 34.54 -1.43
CA PHE A 65 1.42 33.12 -1.13
C PHE A 65 -0.06 32.77 -1.02
N GLU A 66 -0.53 31.93 -1.94
CA GLU A 66 -1.92 31.50 -1.98
C GLU A 66 -2.07 30.14 -1.33
N VAL A 67 -2.63 30.10 -0.12
CA VAL A 67 -2.82 28.84 0.58
C VAL A 67 -4.31 28.50 0.61
N VAL A 68 -4.66 27.34 0.07
CA VAL A 68 -6.06 26.93 0.03
C VAL A 68 -6.28 25.54 0.61
N THR A 69 -7.30 25.42 1.46
CA THR A 69 -7.64 24.16 2.09
C THR A 69 -8.46 23.33 1.10
N GLN A 70 -8.73 22.08 1.46
CA GLN A 70 -9.50 21.22 0.58
C GLN A 70 -10.97 21.64 0.61
N ASN A 71 -11.33 22.50 1.56
CA ASN A 71 -12.71 22.99 1.68
C ASN A 71 -12.87 24.22 0.77
N GLY A 72 -11.76 24.73 0.25
CA GLY A 72 -11.83 25.89 -0.62
C GLY A 72 -11.57 27.21 0.10
N VAL A 73 -11.14 27.11 1.36
CA VAL A 73 -10.87 28.29 2.16
C VAL A 73 -9.43 28.78 1.97
N THR A 74 -9.29 30.07 1.70
CA THR A 74 -7.97 30.68 1.52
C THR A 74 -7.43 31.11 2.88
N LEU A 75 -6.21 30.69 3.19
CA LEU A 75 -5.57 31.03 4.46
C LEU A 75 -4.56 32.16 4.27
N ASN A 76 -4.86 33.35 4.79
CA ASN A 76 -3.95 34.48 4.67
C ASN A 76 -2.65 34.19 5.40
N VAL A 77 -1.51 34.55 4.77
CA VAL A 77 -0.20 34.33 5.37
C VAL A 77 0.22 35.60 6.14
N VAL A 78 0.67 35.45 7.38
CA VAL A 78 1.09 36.59 8.20
C VAL A 78 2.60 36.70 8.43
N SER A 79 3.34 35.65 8.10
CA SER A 79 4.79 35.65 8.23
C SER A 79 5.37 34.50 7.41
N ARG A 80 6.67 34.59 7.11
CA ARG A 80 7.33 33.57 6.32
C ARG A 80 8.80 33.47 6.73
N ARG A 81 9.34 32.26 6.67
CA ARG A 81 10.73 32.02 7.00
C ARG A 81 11.19 30.69 6.43
N LEU A 82 12.50 30.53 6.31
CA LEU A 82 13.11 29.31 5.80
C LEU A 82 13.77 28.52 6.93
N LYS A 83 13.61 27.20 6.88
CA LYS A 83 14.23 26.29 7.83
C LYS A 83 14.80 25.23 6.92
N GLY A 84 16.10 25.30 6.63
CA GLY A 84 16.69 24.35 5.72
C GLY A 84 16.04 24.60 4.37
N ALA A 85 15.65 23.55 3.67
CA ALA A 85 15.02 23.71 2.36
C ALA A 85 13.49 23.70 2.45
N VAL A 86 12.96 23.99 3.63
CA VAL A 86 11.53 24.03 3.81
C VAL A 86 11.08 25.44 4.12
N LEU A 87 9.98 25.85 3.50
CA LEU A 87 9.41 27.17 3.72
C LEU A 87 8.30 26.98 4.75
N ILE A 88 8.27 27.85 5.75
CA ILE A 88 7.25 27.76 6.78
C ILE A 88 6.47 29.07 6.74
N LEU A 89 5.19 28.96 6.45
CA LEU A 89 4.33 30.13 6.37
C LEU A 89 3.40 30.10 7.57
N GLN A 90 3.31 31.22 8.29
CA GLN A 90 2.41 31.24 9.43
C GLN A 90 1.09 31.84 8.98
N THR A 91 0.00 31.26 9.46
CA THR A 91 -1.32 31.76 9.12
C THR A 91 -1.98 32.35 10.36
N ALA A 92 -2.99 33.17 10.15
CA ALA A 92 -3.72 33.78 11.25
C ALA A 92 -4.70 32.76 11.80
N VAL A 93 -5.14 31.86 10.93
CA VAL A 93 -6.08 30.82 11.30
C VAL A 93 -5.37 29.50 11.54
N ALA A 94 -5.71 28.82 12.62
CA ALA A 94 -5.07 27.56 12.94
C ALA A 94 -5.90 26.38 12.49
N ASN A 95 -5.22 25.28 12.21
CA ASN A 95 -5.89 24.06 11.80
C ASN A 95 -6.45 23.47 13.08
N ALA A 96 -7.77 23.53 13.22
CA ALA A 96 -8.43 23.02 14.41
C ALA A 96 -8.37 21.50 14.50
N GLU A 97 -8.04 20.88 13.37
CA GLU A 97 -7.94 19.43 13.31
C GLU A 97 -6.50 18.92 13.27
N THR A 98 -5.61 19.62 13.96
CA THR A 98 -4.21 19.21 14.01
C THR A 98 -4.12 18.00 14.95
N PRO A 99 -3.53 16.90 14.48
CA PRO A 99 -3.39 15.70 15.32
C PRO A 99 -2.13 15.76 16.18
N LYS A 100 -2.01 14.86 17.15
CA LYS A 100 -0.79 14.80 17.95
C LYS A 100 0.21 14.32 16.91
N TYR A 101 1.35 14.99 16.81
CA TYR A 101 2.35 14.60 15.82
C TYR A 101 3.76 14.85 16.34
N LYS A 102 4.72 14.43 15.54
CA LYS A 102 6.13 14.59 15.85
C LYS A 102 6.95 14.50 14.56
N PHE A 103 7.94 15.38 14.43
CA PHE A 103 8.84 15.40 13.27
C PHE A 103 10.00 14.47 13.59
N VAL A 104 10.13 13.39 12.83
CA VAL A 104 11.17 12.41 13.05
C VAL A 104 12.01 12.20 11.79
N LYS A 105 13.30 11.95 11.97
CA LYS A 105 14.18 11.72 10.84
C LYS A 105 14.22 10.21 10.61
N ALA A 106 13.96 9.78 9.38
CA ALA A 106 13.99 8.36 9.09
C ALA A 106 15.42 7.86 8.92
N ASN A 107 15.70 6.69 9.50
CA ASN A 107 17.01 6.08 9.38
C ASN A 107 16.92 5.03 8.26
N CYS A 108 18.07 4.63 7.73
CA CYS A 108 18.09 3.62 6.67
C CYS A 108 17.30 2.38 7.09
N GLY A 109 16.39 1.94 6.23
CA GLY A 109 15.60 0.76 6.52
C GLY A 109 14.27 1.09 7.15
N ASP A 110 14.10 2.31 7.64
CA ASP A 110 12.82 2.69 8.24
C ASP A 110 11.78 2.77 7.13
N SER A 111 10.60 2.21 7.38
CA SER A 111 9.55 2.22 6.38
C SER A 111 8.41 3.13 6.83
N PHE A 112 7.85 3.89 5.88
CA PHE A 112 6.74 4.78 6.19
C PHE A 112 5.79 4.93 5.01
N THR A 113 4.70 5.67 5.22
CA THR A 113 3.70 5.85 4.20
C THR A 113 3.76 7.20 3.48
N ILE A 114 3.72 7.16 2.16
CA ILE A 114 3.72 8.37 1.37
C ILE A 114 2.28 8.73 1.02
N ALA A 115 1.89 9.97 1.30
CA ALA A 115 0.55 10.46 0.95
C ALA A 115 0.76 11.19 -0.38
N CYS A 116 0.60 10.47 -1.48
CA CYS A 116 0.81 11.05 -2.81
C CYS A 116 -0.25 12.13 -3.03
N SER A 117 0.19 13.38 -3.12
CA SER A 117 -0.72 14.50 -3.24
C SER A 117 -0.54 15.40 -4.45
N TYR A 118 -1.67 15.90 -4.94
CA TYR A 118 -1.70 16.81 -6.08
C TYR A 118 -2.71 17.91 -5.79
N GLY A 119 -2.32 19.16 -6.01
CA GLY A 119 -3.21 20.28 -5.77
C GLY A 119 -3.77 20.37 -4.37
N GLY A 120 -3.05 19.82 -3.39
CA GLY A 120 -3.52 19.87 -2.02
C GLY A 120 -4.43 18.74 -1.60
N THR A 121 -4.58 17.74 -2.46
CA THR A 121 -5.43 16.59 -2.17
C THR A 121 -4.67 15.27 -2.25
N VAL A 122 -4.90 14.39 -1.27
CA VAL A 122 -4.24 13.09 -1.27
C VAL A 122 -5.00 12.17 -2.21
N ILE A 123 -4.35 11.74 -3.28
CA ILE A 123 -4.97 10.87 -4.27
C ILE A 123 -4.73 9.38 -4.07
N GLY A 124 -3.70 9.04 -3.30
CA GLY A 124 -3.40 7.64 -3.04
C GLY A 124 -2.27 7.51 -2.03
N LEU A 125 -2.02 6.30 -1.56
CA LEU A 125 -0.97 6.04 -0.59
C LEU A 125 -0.18 4.81 -0.96
N TYR A 126 1.05 4.74 -0.48
CA TYR A 126 1.89 3.57 -0.69
C TYR A 126 3.07 3.58 0.27
N PRO A 127 3.63 2.40 0.57
CA PRO A 127 4.76 2.32 1.48
C PRO A 127 6.09 2.56 0.78
N VAL A 128 7.07 3.03 1.54
CA VAL A 128 8.41 3.27 1.04
C VAL A 128 9.37 3.02 2.19
N THR A 129 10.64 2.86 1.86
CA THR A 129 11.69 2.61 2.83
C THR A 129 12.84 3.57 2.56
N MET A 130 13.36 4.21 3.61
CA MET A 130 14.50 5.11 3.43
C MET A 130 15.69 4.25 3.07
N ARG A 131 16.25 4.45 1.88
CA ARG A 131 17.40 3.67 1.43
C ARG A 131 18.68 4.22 2.05
N SER A 132 19.73 3.40 2.01
CA SER A 132 21.02 3.77 2.58
C SER A 132 21.61 5.06 1.98
N ASN A 133 21.23 5.38 0.75
CA ASN A 133 21.75 6.59 0.09
C ASN A 133 20.88 7.84 0.25
N GLY A 134 19.87 7.76 1.12
CA GLY A 134 19.03 8.92 1.34
C GLY A 134 17.94 9.15 0.30
N THR A 135 17.57 8.10 -0.42
CA THR A 135 16.51 8.23 -1.40
C THR A 135 15.42 7.22 -1.05
N ILE A 136 14.30 7.31 -1.76
CA ILE A 136 13.21 6.36 -1.60
C ILE A 136 12.76 6.04 -3.00
N ARG A 137 12.27 4.83 -3.21
CA ARG A 137 11.76 4.45 -4.52
C ARG A 137 10.26 4.67 -4.43
N ALA A 138 9.81 5.80 -4.97
CA ALA A 138 8.40 6.15 -4.90
C ALA A 138 7.73 6.27 -6.27
N SER A 139 6.64 7.03 -6.31
CA SER A 139 5.89 7.27 -7.54
C SER A 139 5.34 8.68 -7.51
N PHE A 140 6.06 9.61 -8.14
CA PHE A 140 5.65 11.02 -8.17
C PHE A 140 5.73 11.63 -9.56
N LEU A 141 4.78 12.51 -9.88
CA LEU A 141 4.74 13.22 -11.16
C LEU A 141 4.79 14.71 -10.87
N ALA A 142 4.86 15.50 -11.93
CA ALA A 142 4.87 16.95 -11.77
C ALA A 142 3.66 17.35 -10.93
N GLY A 143 3.89 18.20 -9.93
CA GLY A 143 2.79 18.63 -9.07
C GLY A 143 2.74 17.89 -7.74
N ALA A 144 3.58 16.87 -7.56
CA ALA A 144 3.54 16.10 -6.32
C ALA A 144 4.48 16.60 -5.20
N CYS A 145 5.24 17.65 -5.48
CA CYS A 145 6.16 18.15 -4.49
C CYS A 145 5.43 18.57 -3.20
N GLY A 146 6.04 18.36 -2.05
CA GLY A 146 5.37 18.70 -0.82
C GLY A 146 4.61 17.52 -0.23
N SER A 147 4.48 16.43 -1.01
CA SER A 147 3.79 15.23 -0.53
C SER A 147 4.55 14.73 0.69
N VAL A 148 3.83 14.31 1.73
CA VAL A 148 4.51 13.85 2.94
C VAL A 148 4.58 12.35 3.15
N GLY A 149 5.57 11.94 3.95
CA GLY A 149 5.75 10.55 4.32
C GLY A 149 5.50 10.50 5.83
N PHE A 150 4.78 9.49 6.30
CA PHE A 150 4.46 9.42 7.72
C PHE A 150 4.05 8.01 8.13
N ASN A 151 3.79 7.86 9.42
CA ASN A 151 3.28 6.61 9.97
C ASN A 151 2.56 7.03 11.23
N ILE A 152 1.90 6.08 11.89
CA ILE A 152 1.17 6.41 13.10
C ILE A 152 1.53 5.36 14.13
N GLU A 153 2.08 5.82 15.24
CA GLU A 153 2.47 4.93 16.31
C GLU A 153 1.96 5.47 17.64
N LYS A 154 1.22 4.64 18.37
CA LYS A 154 0.69 5.01 19.66
C LYS A 154 -0.09 6.32 19.64
N GLY A 155 -0.99 6.46 18.67
CA GLY A 155 -1.80 7.67 18.57
C GLY A 155 -1.10 8.95 18.18
N VAL A 156 0.13 8.85 17.68
CA VAL A 156 0.87 10.04 17.27
C VAL A 156 1.22 9.94 15.78
N VAL A 157 1.09 11.04 15.06
CA VAL A 157 1.45 10.99 13.64
C VAL A 157 2.90 11.42 13.51
N ASN A 158 3.75 10.51 13.09
CA ASN A 158 5.15 10.84 12.90
C ASN A 158 5.36 11.27 11.44
N PHE A 159 5.87 12.48 11.25
CA PHE A 159 6.15 12.99 9.90
C PHE A 159 7.64 12.81 9.66
N PHE A 160 7.96 12.03 8.65
CA PHE A 160 9.35 11.74 8.33
C PHE A 160 9.87 12.45 7.09
N TYR A 161 8.98 12.74 6.15
CA TYR A 161 9.42 13.22 4.86
C TYR A 161 8.50 14.19 4.12
N MET A 162 9.12 15.01 3.28
CA MET A 162 8.42 15.95 2.41
C MET A 162 9.13 15.84 1.06
N HIS A 163 8.39 15.55 0.00
CA HIS A 163 9.00 15.36 -1.32
C HIS A 163 9.47 16.62 -2.05
N HIS A 164 10.69 16.57 -2.59
CA HIS A 164 11.27 17.70 -3.31
C HIS A 164 11.74 17.43 -4.74
N LEU A 165 12.37 16.28 -4.99
CA LEU A 165 12.90 16.04 -6.32
C LEU A 165 13.10 14.60 -6.76
N GLU A 166 13.27 14.46 -8.07
CA GLU A 166 13.50 13.17 -8.69
C GLU A 166 14.92 13.10 -9.24
N LEU A 167 15.63 12.04 -8.88
CA LEU A 167 16.99 11.83 -9.37
C LEU A 167 16.91 10.75 -10.45
N PRO A 168 17.95 10.64 -11.30
CA PRO A 168 17.96 9.64 -12.37
C PRO A 168 17.64 8.23 -11.86
N ASN A 169 17.08 7.40 -12.74
CA ASN A 169 16.72 6.01 -12.42
C ASN A 169 15.52 5.90 -11.46
N ALA A 170 14.56 6.80 -11.63
CA ALA A 170 13.35 6.81 -10.82
C ALA A 170 13.59 6.80 -9.32
N LEU A 171 14.53 7.63 -8.86
CA LEU A 171 14.80 7.74 -7.43
C LEU A 171 14.23 9.07 -6.95
N HIS A 172 13.71 9.08 -5.73
CA HIS A 172 13.13 10.28 -5.18
C HIS A 172 13.75 10.68 -3.85
N THR A 173 13.78 11.98 -3.59
CA THR A 173 14.30 12.43 -2.32
C THR A 173 13.70 13.75 -1.91
N GLY A 174 13.93 14.12 -0.66
CA GLY A 174 13.39 15.35 -0.12
C GLY A 174 13.98 15.57 1.26
N THR A 175 13.24 16.28 2.09
CA THR A 175 13.70 16.61 3.43
C THR A 175 12.81 16.01 4.51
N ASP A 176 13.26 16.17 5.76
CA ASP A 176 12.44 15.75 6.89
C ASP A 176 11.65 17.03 7.13
N LEU A 177 10.75 17.06 8.10
CA LEU A 177 9.97 18.27 8.31
C LEU A 177 10.75 19.40 8.98
N MET A 178 12.04 19.17 9.20
CA MET A 178 12.91 20.19 9.78
C MET A 178 13.63 20.93 8.66
N GLY A 179 13.38 20.52 7.41
CA GLY A 179 14.00 21.17 6.27
C GLY A 179 15.37 20.64 5.86
N GLU A 180 15.79 19.57 6.50
CA GLU A 180 17.07 18.96 6.21
C GLU A 180 16.90 17.86 5.16
N PHE A 181 17.70 17.94 4.09
CA PHE A 181 17.66 16.96 3.00
C PHE A 181 18.24 15.60 3.40
N TYR A 182 17.59 14.52 2.95
CA TYR A 182 18.09 13.18 3.20
C TYR A 182 19.20 12.96 2.17
N GLY A 183 20.19 12.14 2.52
CA GLY A 183 21.27 11.85 1.60
C GLY A 183 22.15 13.03 1.22
N GLY A 184 21.89 14.19 1.81
CA GLY A 184 22.69 15.36 1.51
C GLY A 184 22.49 15.95 0.11
N TYR A 185 21.32 15.73 -0.48
CA TYR A 185 21.04 16.26 -1.81
C TYR A 185 20.57 17.70 -1.70
N VAL A 186 20.43 18.39 -2.83
CA VAL A 186 19.97 19.78 -2.80
C VAL A 186 18.84 20.00 -3.78
N ASP A 187 18.00 20.99 -3.48
CA ASP A 187 16.86 21.31 -4.32
C ASP A 187 17.24 22.18 -5.53
N GLU A 188 18.09 21.62 -6.39
CA GLU A 188 18.55 22.29 -7.60
C GLU A 188 18.59 21.28 -8.74
N GLU A 189 18.20 21.71 -9.94
CA GLU A 189 18.19 20.80 -11.08
C GLU A 189 19.56 20.72 -11.74
N VAL A 190 20.50 20.10 -11.03
CA VAL A 190 21.87 19.90 -11.51
C VAL A 190 22.21 18.43 -11.25
N ALA A 191 23.31 17.95 -11.81
CA ALA A 191 23.71 16.56 -11.61
C ALA A 191 24.09 16.37 -10.15
N GLN A 192 23.72 15.24 -9.58
CA GLN A 192 24.03 14.95 -8.19
C GLN A 192 24.42 13.49 -8.03
N ARG A 193 25.50 13.25 -7.29
CA ARG A 193 25.98 11.89 -7.09
C ARG A 193 25.10 11.13 -6.10
N VAL A 194 24.77 9.90 -6.45
CA VAL A 194 23.96 9.05 -5.58
C VAL A 194 24.76 7.81 -5.22
N PRO A 195 25.15 7.68 -3.93
CA PRO A 195 25.91 6.50 -3.52
C PRO A 195 25.14 5.23 -3.82
N PRO A 196 25.85 4.09 -3.95
CA PRO A 196 25.18 2.81 -4.23
C PRO A 196 24.15 2.43 -3.16
N ASP A 197 23.05 1.82 -3.61
CA ASP A 197 21.99 1.42 -2.71
C ASP A 197 22.36 0.07 -2.06
N ASN A 198 22.41 0.04 -0.73
CA ASN A 198 22.73 -1.20 -0.03
C ASN A 198 21.47 -1.90 0.48
N LEU A 199 21.29 -3.16 0.07
CA LEU A 199 20.14 -3.93 0.52
C LEU A 199 20.10 -3.91 2.05
N VAL A 200 18.90 -3.73 2.62
CA VAL A 200 18.74 -3.65 4.07
C VAL A 200 18.61 -4.99 4.79
N THR A 201 19.71 -5.43 5.39
CA THR A 201 19.79 -6.69 6.11
C THR A 201 18.69 -6.94 7.13
N ASN A 202 18.42 -5.99 8.02
CA ASN A 202 17.39 -6.20 9.02
C ASN A 202 16.03 -6.48 8.41
N ASN A 203 15.71 -5.84 7.29
CA ASN A 203 14.42 -6.07 6.65
C ASN A 203 14.43 -7.44 5.95
N ILE A 204 15.55 -7.78 5.31
CA ILE A 204 15.68 -9.08 4.64
C ILE A 204 15.48 -10.19 5.69
N VAL A 205 16.10 -10.03 6.84
CA VAL A 205 15.94 -11.01 7.92
C VAL A 205 14.46 -11.14 8.27
N ALA A 206 13.79 -10.00 8.45
CA ALA A 206 12.36 -9.98 8.78
C ALA A 206 11.55 -10.77 7.75
N TRP A 207 11.90 -10.58 6.48
CA TRP A 207 11.23 -11.26 5.37
C TRP A 207 11.47 -12.78 5.42
N LEU A 208 12.72 -13.18 5.67
CA LEU A 208 13.04 -14.60 5.75
C LEU A 208 12.29 -15.23 6.92
N TYR A 209 12.13 -14.49 8.02
CA TYR A 209 11.38 -15.01 9.17
C TYR A 209 9.92 -15.15 8.76
N ALA A 210 9.45 -14.24 7.91
CA ALA A 210 8.08 -14.30 7.43
C ALA A 210 7.94 -15.56 6.56
N ALA A 211 8.96 -15.82 5.75
CA ALA A 211 8.95 -16.98 4.87
C ALA A 211 8.89 -18.26 5.70
N ILE A 212 9.63 -18.28 6.82
CA ILE A 212 9.65 -19.43 7.72
C ILE A 212 8.26 -19.63 8.34
N ILE A 213 7.73 -18.57 8.93
CA ILE A 213 6.43 -18.58 9.59
C ILE A 213 5.26 -19.02 8.70
N SER A 214 5.24 -18.54 7.45
CA SER A 214 4.16 -18.86 6.51
C SER A 214 4.05 -20.34 6.19
N VAL A 215 5.15 -21.08 6.38
CA VAL A 215 5.15 -22.51 6.11
C VAL A 215 5.10 -23.31 7.41
N PRO A 223 12.56 -25.07 5.73
CA PRO A 223 12.68 -24.74 4.31
C PRO A 223 14.01 -25.23 3.75
N LYS A 224 14.00 -25.63 2.48
CA LYS A 224 15.21 -26.12 1.84
C LYS A 224 16.31 -25.06 1.74
N TRP A 225 15.91 -23.80 1.59
CA TRP A 225 16.85 -22.70 1.45
C TRP A 225 17.48 -22.22 2.77
N LEU A 226 16.88 -22.59 3.89
CA LEU A 226 17.40 -22.15 5.19
C LEU A 226 18.74 -22.83 5.48
N GLU A 227 19.82 -22.07 5.47
CA GLU A 227 21.14 -22.64 5.74
C GLU A 227 21.16 -23.23 7.16
N SER A 228 21.93 -24.30 7.32
CA SER A 228 22.02 -24.98 8.60
C SER A 228 23.15 -24.44 9.49
N THR A 229 24.12 -23.77 8.90
CA THR A 229 25.22 -23.21 9.68
C THR A 229 24.95 -21.77 10.08
N THR A 230 25.66 -21.31 11.10
CA THR A 230 25.50 -19.94 11.54
C THR A 230 26.76 -19.21 11.14
N VAL A 231 26.63 -17.89 11.00
CA VAL A 231 27.76 -17.03 10.67
C VAL A 231 27.61 -15.97 11.75
N SER A 232 28.71 -15.61 12.40
CA SER A 232 28.63 -14.62 13.47
C SER A 232 28.22 -13.27 12.93
N ILE A 233 27.52 -12.49 13.74
CA ILE A 233 27.10 -11.16 13.35
C ILE A 233 28.34 -10.35 12.98
N GLU A 234 29.45 -10.56 13.70
CA GLU A 234 30.68 -9.83 13.42
C GLU A 234 31.17 -10.13 12.02
N ASP A 235 31.23 -11.42 11.67
CA ASP A 235 31.69 -11.80 10.34
C ASP A 235 30.74 -11.33 9.25
N TYR A 236 29.43 -11.49 9.48
CA TYR A 236 28.47 -11.05 8.47
C TYR A 236 28.63 -9.57 8.22
N ASN A 237 28.71 -8.78 9.29
CA ASN A 237 28.86 -7.34 9.15
C ASN A 237 30.15 -6.99 8.45
N ARG A 238 31.20 -7.77 8.75
CA ARG A 238 32.50 -7.58 8.12
C ARG A 238 32.28 -7.80 6.61
N TRP A 239 31.54 -8.85 6.29
CA TRP A 239 31.21 -9.24 4.91
C TRP A 239 30.27 -8.22 4.24
N ALA A 240 29.22 -7.84 4.95
CA ALA A 240 28.23 -6.89 4.43
C ALA A 240 28.87 -5.59 3.95
N SER A 241 29.79 -5.05 4.74
CA SER A 241 30.45 -3.80 4.39
C SER A 241 31.17 -3.87 3.04
N ASP A 242 31.40 -5.07 2.54
CA ASP A 242 32.10 -5.25 1.28
C ASP A 242 31.26 -5.84 0.17
N ASN A 243 29.99 -6.12 0.46
CA ASN A 243 29.11 -6.71 -0.54
C ASN A 243 27.78 -5.96 -0.78
N GLY A 244 27.72 -4.71 -0.38
CA GLY A 244 26.50 -3.93 -0.60
C GLY A 244 25.31 -4.26 0.28
N PHE A 245 25.58 -4.46 1.57
CA PHE A 245 24.52 -4.76 2.52
C PHE A 245 24.75 -3.93 3.76
N THR A 246 23.67 -3.46 4.36
CA THR A 246 23.79 -2.67 5.58
C THR A 246 24.20 -3.63 6.70
N PRO A 247 24.69 -3.08 7.82
CA PRO A 247 25.09 -3.97 8.91
C PRO A 247 23.85 -4.50 9.63
N PHE A 248 23.95 -5.70 10.18
CA PHE A 248 22.83 -6.23 10.94
C PHE A 248 22.93 -5.52 12.28
N SER A 249 21.79 -5.11 12.83
CA SER A 249 21.78 -4.45 14.13
C SER A 249 20.61 -5.06 14.91
N THR A 250 20.85 -5.28 16.19
CA THR A 250 19.86 -5.87 17.07
C THR A 250 18.57 -5.06 17.13
N SER A 251 17.46 -5.76 17.30
CA SER A 251 16.16 -5.13 17.37
C SER A 251 15.19 -6.10 18.02
N THR A 252 14.34 -5.56 18.88
CA THR A 252 13.36 -6.34 19.63
C THR A 252 12.44 -7.18 18.75
N ALA A 253 11.95 -6.61 17.66
CA ALA A 253 11.06 -7.34 16.75
C ALA A 253 11.77 -8.57 16.20
N ILE A 254 13.03 -8.41 15.79
CA ILE A 254 13.81 -9.52 15.26
C ILE A 254 14.01 -10.60 16.32
N THR A 255 14.26 -10.18 17.56
CA THR A 255 14.45 -11.14 18.65
C THR A 255 13.17 -11.93 18.90
N LYS A 256 12.02 -11.28 18.78
CA LYS A 256 10.75 -11.99 18.97
C LYS A 256 10.51 -12.98 17.82
N LEU A 257 10.86 -12.57 16.61
CA LEU A 257 10.68 -13.45 15.45
C LEU A 257 11.57 -14.68 15.61
N SER A 258 12.78 -14.45 16.09
CA SER A 258 13.74 -15.52 16.32
C SER A 258 13.15 -16.46 17.38
N ALA A 259 12.48 -15.88 18.36
CA ALA A 259 11.87 -16.64 19.46
C ALA A 259 10.66 -17.45 18.98
N ILE A 260 9.86 -16.85 18.10
CA ILE A 260 8.68 -17.52 17.57
C ILE A 260 9.07 -18.78 16.76
N THR A 261 10.06 -18.63 15.89
CA THR A 261 10.50 -19.71 15.01
C THR A 261 11.57 -20.65 15.59
N GLY A 262 12.27 -20.19 16.61
CA GLY A 262 13.30 -21.00 17.20
C GLY A 262 14.50 -21.11 16.27
N VAL A 263 14.64 -20.14 15.38
CA VAL A 263 15.74 -20.10 14.41
C VAL A 263 16.66 -18.91 14.70
N ASP A 264 17.94 -19.19 14.92
CA ASP A 264 18.93 -18.15 15.20
C ASP A 264 19.10 -17.23 14.00
N VAL A 265 19.11 -15.92 14.25
CA VAL A 265 19.28 -14.94 13.17
C VAL A 265 20.56 -15.20 12.39
N CYS A 266 21.58 -15.70 13.07
CA CYS A 266 22.87 -15.99 12.43
C CYS A 266 22.76 -17.00 11.28
N LYS A 267 21.68 -17.77 11.27
CA LYS A 267 21.45 -18.73 10.19
C LYS A 267 20.81 -18.00 9.02
N LEU A 268 20.05 -16.96 9.31
CA LEU A 268 19.42 -16.19 8.24
C LEU A 268 20.53 -15.35 7.61
N LEU A 269 21.47 -14.89 8.43
CA LEU A 269 22.58 -14.10 7.93
C LEU A 269 23.41 -14.97 6.99
N ARG A 270 23.60 -16.23 7.37
CA ARG A 270 24.36 -17.17 6.53
C ARG A 270 23.59 -17.35 5.23
N THR A 271 22.27 -17.49 5.35
CA THR A 271 21.42 -17.67 4.17
C THR A 271 21.54 -16.48 3.21
N ILE A 272 21.67 -15.29 3.76
CA ILE A 272 21.82 -14.09 2.93
C ILE A 272 23.14 -14.14 2.15
N MET A 273 24.24 -14.45 2.83
CA MET A 273 25.56 -14.53 2.21
C MET A 273 25.58 -15.56 1.08
N VAL A 274 25.06 -16.75 1.39
CA VAL A 274 25.02 -17.84 0.42
C VAL A 274 24.22 -17.47 -0.82
N LYS A 275 22.96 -17.09 -0.63
CA LYS A 275 22.13 -16.73 -1.76
C LYS A 275 22.49 -15.41 -2.44
N SER A 276 23.31 -14.62 -1.77
CA SER A 276 23.76 -13.35 -2.35
C SER A 276 24.78 -13.69 -3.43
N ALA A 277 25.58 -14.72 -3.17
CA ALA A 277 26.60 -15.17 -4.11
C ALA A 277 25.93 -15.90 -5.26
N GLN A 278 24.99 -16.76 -4.93
CA GLN A 278 24.25 -17.53 -5.92
C GLN A 278 22.93 -18.02 -5.34
N TRP A 279 21.82 -17.59 -5.95
CA TRP A 279 20.49 -17.93 -5.48
C TRP A 279 20.04 -19.30 -5.92
N GLY A 280 20.33 -19.55 -7.19
CA GLY A 280 20.02 -20.81 -7.85
C GLY A 280 18.54 -20.79 -7.79
N SER A 281 18.00 -21.96 -7.61
CA SER A 281 16.63 -21.90 -7.39
C SER A 281 16.15 -22.92 -6.55
N ASP A 282 15.31 -22.21 -5.87
CA ASP A 282 14.25 -22.47 -4.96
C ASP A 282 14.09 -21.12 -4.68
N PRO A 283 12.85 -20.76 -4.86
CA PRO A 283 12.48 -19.39 -4.64
C PRO A 283 12.09 -19.22 -3.19
N ILE A 284 12.11 -17.98 -2.69
CA ILE A 284 11.70 -17.74 -1.32
C ILE A 284 10.46 -16.86 -1.46
N LEU A 285 9.32 -17.38 -1.03
CA LEU A 285 8.08 -16.61 -1.13
C LEU A 285 7.83 -16.16 -2.58
N GLY A 286 8.03 -17.06 -3.53
CA GLY A 286 7.79 -16.75 -4.93
C GLY A 286 8.81 -15.96 -5.73
N GLN A 287 9.88 -15.50 -5.10
CA GLN A 287 10.86 -14.71 -5.84
C GLN A 287 12.30 -15.18 -5.72
N TYR A 288 13.14 -14.63 -6.59
CA TYR A 288 14.55 -14.99 -6.63
C TYR A 288 15.42 -13.78 -6.31
N ASN A 289 14.84 -12.86 -5.55
CA ASN A 289 15.55 -11.68 -5.13
C ASN A 289 15.07 -11.33 -3.72
N PHE A 290 15.94 -10.73 -2.93
CA PHE A 290 15.60 -10.37 -1.57
C PHE A 290 14.59 -9.25 -1.49
N GLU A 291 13.61 -9.39 -0.59
CA GLU A 291 12.62 -8.35 -0.36
C GLU A 291 13.31 -7.56 0.74
N ASP A 292 13.38 -6.25 0.53
CA ASP A 292 14.10 -5.32 1.38
C ASP A 292 13.27 -4.29 2.12
N GLU A 293 11.97 -4.25 1.86
CA GLU A 293 11.16 -3.21 2.47
C GLU A 293 10.04 -3.64 3.39
N LEU A 294 10.15 -4.86 3.92
CA LEU A 294 9.20 -5.42 4.87
C LEU A 294 9.99 -5.38 6.18
N THR A 295 9.58 -4.54 7.12
CA THR A 295 10.32 -4.42 8.37
C THR A 295 10.04 -5.49 9.43
N PRO A 296 10.96 -5.65 10.38
CA PRO A 296 10.80 -6.63 11.46
C PRO A 296 9.50 -6.34 12.20
N GLU A 297 9.25 -5.05 12.48
CA GLU A 297 8.04 -4.66 13.20
C GLU A 297 6.78 -5.06 12.43
N SER A 298 6.73 -4.78 11.13
CA SER A 298 5.57 -5.12 10.34
C SER A 298 5.33 -6.63 10.30
N VAL A 299 6.39 -7.40 10.13
CA VAL A 299 6.25 -8.85 10.10
C VAL A 299 5.72 -9.33 11.46
N PHE A 300 6.34 -8.89 12.54
CA PHE A 300 5.88 -9.30 13.86
C PHE A 300 4.42 -8.94 14.08
N ASN A 301 4.04 -7.72 13.68
CA ASN A 301 2.67 -7.26 13.84
C ASN A 301 1.64 -8.12 13.14
N GLN A 302 2.06 -8.81 12.09
CA GLN A 302 1.18 -9.67 11.31
C GLN A 302 1.21 -11.14 11.73
N VAL A 303 1.82 -11.43 12.87
CA VAL A 303 1.91 -12.81 13.34
C VAL A 303 0.80 -13.12 14.34
N SER B 3 6.02 8.36 -12.85
CA SER B 3 7.47 8.01 -12.89
C SER B 3 7.81 7.27 -11.61
N GLY B 4 8.22 6.02 -11.79
CA GLY B 4 8.50 5.14 -10.67
C GLY B 4 7.15 4.49 -10.54
N PHE B 5 7.08 3.18 -10.34
CA PHE B 5 5.79 2.53 -10.23
C PHE B 5 5.58 1.85 -8.90
N LYS B 6 4.40 2.06 -8.34
CA LYS B 6 4.02 1.52 -7.04
C LYS B 6 2.59 0.96 -7.05
N LYS B 7 2.32 0.04 -6.15
CA LYS B 7 0.98 -0.53 -6.05
C LYS B 7 0.25 0.33 -5.03
N LEU B 8 -0.45 1.34 -5.55
CA LEU B 8 -1.17 2.30 -4.74
C LEU B 8 -2.32 1.72 -3.95
N VAL B 9 -2.74 2.49 -2.95
CA VAL B 9 -3.84 2.15 -2.09
C VAL B 9 -4.67 3.41 -2.06
N SER B 10 -5.99 3.29 -2.00
CA SER B 10 -6.85 4.47 -1.98
C SER B 10 -6.83 5.11 -0.58
N PRO B 11 -6.96 6.44 -0.51
CA PRO B 11 -6.96 7.11 0.81
C PRO B 11 -8.15 6.54 1.60
N SER B 12 -8.06 6.58 2.92
CA SER B 12 -9.08 5.97 3.77
C SER B 12 -10.06 6.82 4.57
N SER B 13 -9.92 8.14 4.56
CA SER B 13 -10.81 8.98 5.36
C SER B 13 -12.30 8.66 5.20
N ALA B 14 -12.80 8.67 3.98
CA ALA B 14 -14.22 8.42 3.75
C ALA B 14 -14.69 7.06 4.24
N VAL B 15 -13.87 6.04 4.03
CA VAL B 15 -14.25 4.69 4.46
C VAL B 15 -14.19 4.53 5.98
N GLU B 16 -13.14 5.08 6.61
CA GLU B 16 -13.01 4.99 8.07
C GLU B 16 -14.26 5.46 8.81
N LYS B 17 -14.93 6.46 8.27
CA LYS B 17 -16.14 6.99 8.89
C LYS B 17 -17.32 6.03 8.82
N CYS B 18 -17.17 4.95 8.05
CA CYS B 18 -18.25 3.98 7.88
C CYS B 18 -18.02 2.65 8.57
N ILE B 19 -16.83 2.45 9.11
CA ILE B 19 -16.51 1.20 9.78
C ILE B 19 -16.91 1.23 11.25
N VAL B 20 -17.67 0.21 11.66
CA VAL B 20 -18.14 0.12 13.02
C VAL B 20 -17.85 -1.27 13.58
N SER B 21 -18.10 -1.44 14.87
CA SER B 21 -17.89 -2.73 15.54
C SER B 21 -19.25 -3.40 15.73
N VAL B 22 -19.31 -4.71 15.53
CA VAL B 22 -20.57 -5.44 15.70
C VAL B 22 -20.36 -6.58 16.68
N SER B 23 -21.21 -6.65 17.70
CA SER B 23 -21.10 -7.69 18.72
C SER B 23 -22.38 -8.48 18.93
N TYR B 24 -22.24 -9.81 19.00
CA TYR B 24 -23.38 -10.69 19.22
C TYR B 24 -22.97 -11.85 20.13
N ARG B 25 -23.47 -11.83 21.36
CA ARG B 25 -23.18 -12.88 22.33
C ARG B 25 -21.69 -13.19 22.49
N GLY B 26 -20.90 -12.15 22.63
CA GLY B 26 -19.46 -12.32 22.79
C GLY B 26 -18.75 -12.48 21.47
N ASN B 27 -19.51 -12.41 20.38
CA ASN B 27 -18.92 -12.54 19.04
C ASN B 27 -18.59 -11.15 18.54
N ASN B 28 -17.32 -10.93 18.18
CA ASN B 28 -16.90 -9.62 17.72
C ASN B 28 -16.20 -9.53 16.36
N LEU B 29 -16.64 -8.58 15.56
CA LEU B 29 -16.03 -8.34 14.26
C LEU B 29 -16.41 -6.95 13.72
N ASN B 30 -16.11 -6.70 12.45
CA ASN B 30 -16.38 -5.39 11.88
C ASN B 30 -17.61 -5.30 11.01
N GLY B 31 -18.13 -4.08 10.86
CA GLY B 31 -19.30 -3.85 10.05
C GLY B 31 -19.14 -2.61 9.18
N LEU B 32 -19.99 -2.48 8.16
CA LEU B 32 -19.95 -1.35 7.24
C LEU B 32 -21.28 -0.62 7.36
N TRP B 33 -21.22 0.64 7.75
CA TRP B 33 -22.41 1.47 7.96
C TRP B 33 -22.65 2.51 6.88
N LEU B 34 -23.66 2.27 6.05
CA LEU B 34 -24.02 3.18 4.96
C LEU B 34 -25.52 3.45 5.09
N GLY B 35 -25.92 4.71 5.04
CA GLY B 35 -27.32 5.03 5.20
C GLY B 35 -27.73 4.49 6.56
N ASP B 36 -28.83 3.73 6.62
CA ASP B 36 -29.28 3.16 7.89
C ASP B 36 -29.13 1.65 7.87
N SER B 37 -28.13 1.19 7.12
CA SER B 37 -27.84 -0.23 7.02
C SER B 37 -26.43 -0.54 7.52
N ILE B 38 -26.29 -1.67 8.20
CA ILE B 38 -24.99 -2.11 8.71
C ILE B 38 -24.72 -3.48 8.11
N TYR B 39 -23.67 -3.60 7.31
CA TYR B 39 -23.32 -4.86 6.68
C TYR B 39 -22.19 -5.56 7.43
N CYS B 40 -22.34 -6.87 7.64
CA CYS B 40 -21.30 -7.64 8.34
C CYS B 40 -21.47 -9.12 8.04
N PRO B 41 -20.43 -9.93 8.28
CA PRO B 41 -20.53 -11.37 8.00
C PRO B 41 -21.67 -12.00 8.81
N ARG B 42 -22.37 -12.97 8.23
CA ARG B 42 -23.47 -13.58 8.96
C ARG B 42 -22.95 -14.54 10.05
N HIS B 43 -21.72 -15.03 9.90
CA HIS B 43 -21.17 -15.95 10.90
C HIS B 43 -20.93 -15.31 12.27
N VAL B 44 -21.38 -14.06 12.41
CA VAL B 44 -21.26 -13.36 13.69
C VAL B 44 -22.29 -13.98 14.63
N LEU B 45 -23.14 -14.83 14.06
CA LEU B 45 -24.18 -15.52 14.80
C LEU B 45 -23.67 -16.86 15.31
N GLY B 46 -22.64 -17.39 14.67
CA GLY B 46 -22.07 -18.67 15.07
C GLY B 46 -21.70 -19.49 13.85
N LYS B 47 -21.25 -20.72 14.06
CA LYS B 47 -20.86 -21.59 12.95
C LYS B 47 -21.97 -22.53 12.48
N PHE B 48 -22.64 -22.15 11.40
CA PHE B 48 -23.73 -22.98 10.87
C PHE B 48 -23.49 -23.47 9.45
N SER B 49 -24.55 -23.97 8.81
CA SER B 49 -24.43 -24.47 7.45
C SER B 49 -25.79 -24.60 6.77
N GLY B 50 -25.79 -24.46 5.46
CA GLY B 50 -27.01 -24.59 4.69
C GLY B 50 -28.18 -23.69 5.08
N ASP B 51 -29.33 -24.33 5.35
CA ASP B 51 -30.55 -23.60 5.70
C ASP B 51 -30.66 -23.21 7.16
N GLN B 52 -29.61 -23.44 7.94
CA GLN B 52 -29.65 -23.12 9.36
C GLN B 52 -29.67 -21.61 9.61
N TRP B 53 -28.96 -20.85 8.77
CA TRP B 53 -28.97 -19.39 8.91
C TRP B 53 -30.42 -19.01 8.58
N GLY B 54 -30.87 -17.86 9.05
CA GLY B 54 -32.26 -17.48 8.76
C GLY B 54 -33.16 -18.05 9.83
N ASP B 55 -33.06 -19.36 10.05
CA ASP B 55 -33.82 -20.02 11.10
C ASP B 55 -33.27 -19.43 12.39
N VAL B 56 -31.95 -19.22 12.40
CA VAL B 56 -31.24 -18.66 13.55
C VAL B 56 -31.49 -17.16 13.65
N LEU B 57 -31.50 -16.49 12.50
CA LEU B 57 -31.73 -15.06 12.45
C LEU B 57 -33.14 -14.68 12.93
N ASN B 58 -34.12 -15.49 12.55
CA ASN B 58 -35.50 -15.24 12.95
C ASN B 58 -35.69 -15.40 14.44
N LEU B 59 -34.87 -16.26 15.05
CA LEU B 59 -34.94 -16.51 16.48
C LEU B 59 -34.09 -15.54 17.30
N ALA B 60 -33.36 -14.66 16.63
CA ALA B 60 -32.51 -13.70 17.32
C ALA B 60 -33.27 -12.40 17.59
N ASN B 61 -32.75 -11.61 18.51
CA ASN B 61 -33.39 -10.34 18.86
C ASN B 61 -32.50 -9.16 18.45
N ASN B 62 -33.14 -8.06 18.04
CA ASN B 62 -32.42 -6.88 17.61
C ASN B 62 -31.60 -6.24 18.72
N HIS B 63 -32.10 -6.30 19.95
CA HIS B 63 -31.41 -5.69 21.08
C HIS B 63 -30.07 -6.33 21.42
N GLU B 64 -29.85 -7.57 20.99
CA GLU B 64 -28.60 -8.26 21.28
C GLU B 64 -27.45 -7.86 20.33
N PHE B 65 -27.73 -6.95 19.40
CA PHE B 65 -26.70 -6.51 18.47
C PHE B 65 -26.06 -5.22 18.94
N GLU B 66 -24.86 -5.35 19.48
CA GLU B 66 -24.10 -4.22 19.99
C GLU B 66 -23.23 -3.64 18.86
N VAL B 67 -23.60 -2.46 18.38
CA VAL B 67 -22.88 -1.80 17.30
C VAL B 67 -22.40 -0.42 17.71
N VAL B 68 -21.09 -0.22 17.74
CA VAL B 68 -20.50 1.05 18.13
C VAL B 68 -19.73 1.72 17.00
N THR B 69 -19.83 3.04 16.95
CA THR B 69 -19.13 3.82 15.93
C THR B 69 -17.78 4.22 16.51
N GLN B 70 -17.07 5.10 15.83
CA GLN B 70 -15.76 5.53 16.33
C GLN B 70 -15.83 6.77 17.19
N ASN B 71 -17.04 7.15 17.57
CA ASN B 71 -17.25 8.28 18.46
C ASN B 71 -17.55 7.62 19.79
N GLY B 72 -17.80 6.31 19.72
CA GLY B 72 -18.13 5.55 20.90
C GLY B 72 -19.65 5.46 21.00
N VAL B 73 -20.31 5.99 19.98
CA VAL B 73 -21.77 6.00 19.92
C VAL B 73 -22.39 4.64 19.61
N THR B 74 -23.20 4.16 20.55
CA THR B 74 -23.87 2.88 20.37
C THR B 74 -25.08 3.09 19.47
N LEU B 75 -25.21 2.23 18.45
CA LEU B 75 -26.33 2.33 17.51
C LEU B 75 -27.42 1.33 17.84
N ASN B 76 -28.66 1.77 17.72
CA ASN B 76 -29.80 0.90 18.02
C ASN B 76 -30.29 0.21 16.74
N VAL B 77 -30.37 -1.12 16.79
CA VAL B 77 -30.82 -1.91 15.65
C VAL B 77 -32.34 -2.06 15.65
N VAL B 78 -32.97 -1.85 14.50
CA VAL B 78 -34.42 -1.94 14.39
C VAL B 78 -34.98 -2.99 13.43
N SER B 79 -34.11 -3.78 12.81
CA SER B 79 -34.54 -4.83 11.89
C SER B 79 -33.32 -5.62 11.39
N ARG B 80 -33.56 -6.83 10.88
CA ARG B 80 -32.45 -7.65 10.40
C ARG B 80 -32.86 -8.59 9.27
N ARG B 81 -31.93 -8.82 8.34
CA ARG B 81 -32.19 -9.70 7.22
C ARG B 81 -30.88 -10.32 6.75
N LEU B 82 -30.99 -11.45 6.05
CA LEU B 82 -29.85 -12.13 5.49
C LEU B 82 -29.87 -11.85 4.00
N LYS B 83 -28.71 -11.52 3.45
CA LYS B 83 -28.59 -11.26 2.03
C LYS B 83 -27.38 -12.11 1.65
N GLY B 84 -27.63 -13.33 1.20
CA GLY B 84 -26.52 -14.20 0.87
C GLY B 84 -25.87 -14.52 2.20
N ALA B 85 -24.55 -14.46 2.27
CA ALA B 85 -23.86 -14.73 3.52
C ALA B 85 -23.63 -13.46 4.32
N VAL B 86 -24.32 -12.40 3.95
CA VAL B 86 -24.18 -11.12 4.65
C VAL B 86 -25.39 -10.76 5.50
N LEU B 87 -25.13 -10.32 6.72
CA LEU B 87 -26.18 -9.91 7.63
C LEU B 87 -26.33 -8.40 7.51
N ILE B 88 -27.57 -7.93 7.41
CA ILE B 88 -27.84 -6.51 7.30
C ILE B 88 -28.69 -6.08 8.50
N LEU B 89 -28.16 -5.19 9.30
CA LEU B 89 -28.88 -4.70 10.47
C LEU B 89 -29.28 -3.26 10.19
N GLN B 90 -30.57 -2.97 10.27
CA GLN B 90 -31.02 -1.61 10.04
C GLN B 90 -30.83 -0.87 11.34
N THR B 91 -30.39 0.38 11.25
CA THR B 91 -30.18 1.19 12.44
C THR B 91 -31.22 2.27 12.54
N ALA B 92 -31.51 2.67 13.78
CA ALA B 92 -32.50 3.72 14.02
C ALA B 92 -32.04 4.99 13.34
N VAL B 93 -30.77 5.32 13.52
CA VAL B 93 -30.20 6.54 12.93
C VAL B 93 -29.35 6.21 11.71
N ALA B 94 -29.36 7.11 10.73
CA ALA B 94 -28.60 6.93 9.50
C ALA B 94 -27.25 7.64 9.52
N ASN B 95 -26.24 7.00 8.92
CA ASN B 95 -24.89 7.55 8.85
C ASN B 95 -24.90 8.85 8.05
N ALA B 96 -24.83 9.97 8.75
CA ALA B 96 -24.84 11.27 8.11
C ALA B 96 -23.60 11.50 7.26
N GLU B 97 -22.62 10.62 7.40
CA GLU B 97 -21.40 10.76 6.63
C GLU B 97 -21.24 9.63 5.62
N THR B 98 -22.36 9.18 5.05
CA THR B 98 -22.31 8.12 4.05
C THR B 98 -21.77 8.76 2.77
N PRO B 99 -20.70 8.20 2.20
CA PRO B 99 -20.15 8.79 0.98
C PRO B 99 -20.86 8.23 -0.24
N LYS B 100 -20.70 8.88 -1.39
CA LYS B 100 -21.31 8.39 -2.63
C LYS B 100 -20.63 7.04 -2.81
N TYR B 101 -21.40 5.96 -2.92
CA TYR B 101 -20.78 4.65 -3.04
C TYR B 101 -21.51 3.74 -4.01
N LYS B 102 -20.91 2.59 -4.28
CA LYS B 102 -21.49 1.59 -5.17
C LYS B 102 -20.96 0.22 -4.79
N PHE B 103 -21.82 -0.79 -4.88
CA PHE B 103 -21.43 -2.16 -4.59
C PHE B 103 -21.05 -2.79 -5.92
N VAL B 104 -19.78 -3.17 -6.04
CA VAL B 104 -19.27 -3.74 -7.28
C VAL B 104 -18.62 -5.10 -7.07
N LYS B 105 -18.81 -5.99 -8.04
CA LYS B 105 -18.22 -7.31 -7.96
C LYS B 105 -16.89 -7.26 -8.70
N ALA B 106 -15.82 -7.63 -8.01
CA ALA B 106 -14.50 -7.62 -8.61
C ALA B 106 -14.26 -8.80 -9.53
N ASN B 107 -13.75 -8.52 -10.72
CA ASN B 107 -13.44 -9.58 -11.67
C ASN B 107 -12.00 -10.02 -11.42
N CYS B 108 -11.63 -11.17 -11.93
CA CYS B 108 -10.27 -11.65 -11.75
C CYS B 108 -9.33 -10.56 -12.28
N GLY B 109 -8.26 -10.27 -11.55
CA GLY B 109 -7.33 -9.25 -11.98
C GLY B 109 -7.58 -7.87 -11.38
N ASP B 110 -8.83 -7.59 -11.01
CA ASP B 110 -9.18 -6.31 -10.39
C ASP B 110 -8.47 -6.13 -9.05
N SER B 111 -7.90 -4.95 -8.82
CA SER B 111 -7.21 -4.67 -7.57
C SER B 111 -7.93 -3.58 -6.78
N PHE B 112 -7.88 -3.69 -5.47
CA PHE B 112 -8.53 -2.71 -4.62
C PHE B 112 -7.83 -2.64 -3.26
N THR B 113 -8.29 -1.75 -2.41
CA THR B 113 -7.68 -1.54 -1.11
C THR B 113 -8.40 -2.25 0.02
N ILE B 114 -7.64 -2.95 0.84
CA ILE B 114 -8.22 -3.61 2.00
C ILE B 114 -8.04 -2.69 3.21
N ALA B 115 -9.15 -2.39 3.88
CA ALA B 115 -9.11 -1.60 5.09
C ALA B 115 -9.04 -2.65 6.19
N CYS B 116 -7.82 -3.04 6.58
CA CYS B 116 -7.64 -4.06 7.60
C CYS B 116 -8.13 -3.52 8.93
N SER B 117 -9.25 -4.06 9.41
CA SER B 117 -9.86 -3.55 10.63
C SER B 117 -10.03 -4.55 11.78
N TYR B 118 -10.00 -4.00 12.99
CA TYR B 118 -10.16 -4.78 14.22
C TYR B 118 -10.94 -3.93 15.21
N GLY B 119 -11.99 -4.51 15.78
CA GLY B 119 -12.80 -3.78 16.74
C GLY B 119 -13.40 -2.49 16.18
N GLY B 120 -13.77 -2.52 14.91
CA GLY B 120 -14.37 -1.34 14.30
C GLY B 120 -13.35 -0.26 13.91
N THR B 121 -12.07 -0.55 14.08
CA THR B 121 -11.02 0.43 13.76
C THR B 121 -10.07 -0.01 12.65
N VAL B 122 -9.84 0.86 11.68
CA VAL B 122 -8.92 0.54 10.58
C VAL B 122 -7.51 0.78 11.11
N ILE B 123 -6.71 -0.29 11.17
CA ILE B 123 -5.34 -0.16 11.69
C ILE B 123 -4.31 -0.04 10.60
N GLY B 124 -4.70 -0.40 9.38
CA GLY B 124 -3.76 -0.33 8.26
C GLY B 124 -4.43 -0.65 6.95
N LEU B 125 -3.72 -0.41 5.85
CA LEU B 125 -4.28 -0.65 4.54
C LEU B 125 -3.23 -1.27 3.63
N TYR B 126 -3.69 -2.02 2.64
CA TYR B 126 -2.78 -2.64 1.68
C TYR B 126 -3.57 -3.03 0.45
N PRO B 127 -2.88 -3.15 -0.69
CA PRO B 127 -3.62 -3.52 -1.90
C PRO B 127 -3.70 -5.03 -2.06
N VAL B 128 -4.74 -5.48 -2.76
CA VAL B 128 -4.90 -6.90 -3.05
C VAL B 128 -5.48 -6.98 -4.44
N THR B 129 -5.40 -8.17 -5.04
CA THR B 129 -5.94 -8.42 -6.37
C THR B 129 -6.84 -9.66 -6.30
N MET B 130 -8.00 -9.59 -6.95
CA MET B 130 -8.92 -10.72 -6.96
C MET B 130 -8.29 -11.80 -7.85
N ARG B 131 -7.96 -12.94 -7.25
CA ARG B 131 -7.32 -14.03 -7.99
C ARG B 131 -8.32 -14.80 -8.86
N SER B 132 -7.80 -15.63 -9.75
CA SER B 132 -8.64 -16.40 -10.65
C SER B 132 -9.50 -17.43 -9.91
N ASN B 133 -9.03 -17.89 -8.76
CA ASN B 133 -9.76 -18.86 -7.97
C ASN B 133 -10.68 -18.23 -6.93
N GLY B 134 -10.97 -16.94 -7.08
CA GLY B 134 -11.85 -16.27 -6.15
C GLY B 134 -11.31 -16.01 -4.76
N THR B 135 -10.00 -15.84 -4.64
CA THR B 135 -9.40 -15.56 -3.34
C THR B 135 -8.53 -14.33 -3.49
N ILE B 136 -8.03 -13.83 -2.36
CA ILE B 136 -7.10 -12.70 -2.36
C ILE B 136 -5.97 -13.09 -1.44
N ARG B 137 -4.77 -12.61 -1.74
CA ARG B 137 -3.61 -12.87 -0.91
C ARG B 137 -3.53 -11.65 -0.01
N ALA B 138 -4.08 -11.77 1.19
CA ALA B 138 -4.11 -10.65 2.12
C ALA B 138 -3.37 -10.92 3.42
N SER B 139 -3.76 -10.20 4.46
CA SER B 139 -3.16 -10.31 5.79
C SER B 139 -4.27 -10.06 6.80
N PHE B 140 -4.78 -11.13 7.41
CA PHE B 140 -5.85 -11.02 8.39
C PHE B 140 -5.62 -11.94 9.58
N LEU B 141 -5.94 -11.45 10.77
CA LEU B 141 -5.83 -12.25 11.99
C LEU B 141 -7.23 -12.36 12.59
N ALA B 142 -7.37 -13.10 13.68
CA ALA B 142 -8.67 -13.26 14.32
C ALA B 142 -9.27 -11.89 14.62
N GLY B 143 -10.56 -11.73 14.36
CA GLY B 143 -11.22 -10.46 14.62
C GLY B 143 -11.24 -9.50 13.45
N ALA B 144 -10.60 -9.87 12.34
CA ALA B 144 -10.55 -9.00 11.17
C ALA B 144 -11.74 -9.20 10.24
N CYS B 145 -12.60 -10.16 10.55
CA CYS B 145 -13.74 -10.42 9.67
C CYS B 145 -14.61 -9.19 9.52
N GLY B 146 -15.16 -9.00 8.33
CA GLY B 146 -15.98 -7.84 8.09
C GLY B 146 -15.18 -6.70 7.47
N SER B 147 -13.85 -6.79 7.52
CA SER B 147 -12.99 -5.76 6.92
C SER B 147 -13.41 -5.62 5.46
N VAL B 148 -13.39 -4.40 4.92
CA VAL B 148 -13.82 -4.22 3.55
C VAL B 148 -12.73 -3.92 2.53
N GLY B 149 -13.04 -4.24 1.28
CA GLY B 149 -12.15 -3.99 0.16
C GLY B 149 -12.81 -2.90 -0.65
N PHE B 150 -12.05 -1.94 -1.13
CA PHE B 150 -12.66 -0.84 -1.88
C PHE B 150 -11.64 -0.05 -2.67
N ASN B 151 -12.15 0.92 -3.43
CA ASN B 151 -11.30 1.83 -4.18
C ASN B 151 -12.11 3.10 -4.38
N ILE B 152 -11.45 4.18 -4.77
CA ILE B 152 -12.13 5.43 -5.00
C ILE B 152 -11.92 5.85 -6.44
N GLU B 153 -12.99 5.94 -7.20
CA GLU B 153 -12.91 6.33 -8.60
C GLU B 153 -13.94 7.41 -8.93
N LYS B 154 -13.44 8.54 -9.41
CA LYS B 154 -14.27 9.68 -9.80
C LYS B 154 -15.25 10.10 -8.71
N GLY B 155 -14.73 10.28 -7.49
CA GLY B 155 -15.55 10.71 -6.37
C GLY B 155 -16.50 9.68 -5.76
N VAL B 156 -16.46 8.45 -6.24
CA VAL B 156 -17.33 7.41 -5.72
C VAL B 156 -16.54 6.27 -5.09
N VAL B 157 -16.96 5.84 -3.91
CA VAL B 157 -16.29 4.77 -3.22
C VAL B 157 -16.88 3.43 -3.67
N ASN B 158 -16.03 2.59 -4.28
CA ASN B 158 -16.49 1.28 -4.73
C ASN B 158 -16.15 0.20 -3.71
N PHE B 159 -17.18 -0.49 -3.21
CA PHE B 159 -16.97 -1.57 -2.25
C PHE B 159 -17.08 -2.89 -3.02
N PHE B 160 -15.99 -3.64 -3.03
CA PHE B 160 -15.95 -4.91 -3.76
C PHE B 160 -15.94 -6.15 -2.87
N TYR B 161 -15.54 -5.97 -1.61
CA TYR B 161 -15.33 -7.12 -0.75
C TYR B 161 -15.55 -6.95 0.75
N MET B 162 -15.89 -8.04 1.41
CA MET B 162 -16.06 -8.09 2.86
C MET B 162 -15.39 -9.39 3.25
N HIS B 163 -14.45 -9.32 4.19
CA HIS B 163 -13.71 -10.51 4.59
C HIS B 163 -14.48 -11.50 5.45
N HIS B 164 -14.42 -12.77 5.07
CA HIS B 164 -15.12 -13.84 5.79
C HIS B 164 -14.24 -14.95 6.36
N LEU B 165 -13.38 -15.53 5.53
CA LEU B 165 -12.55 -16.62 6.03
C LEU B 165 -11.18 -16.83 5.38
N GLU B 166 -10.39 -17.67 6.04
CA GLU B 166 -9.05 -18.00 5.59
C GLU B 166 -9.01 -19.44 5.10
N LEU B 167 -8.46 -19.63 3.90
CA LEU B 167 -8.34 -20.94 3.30
C LEU B 167 -6.87 -21.36 3.45
N PRO B 168 -6.60 -22.68 3.47
CA PRO B 168 -5.22 -23.14 3.61
C PRO B 168 -4.22 -22.38 2.74
N ASN B 169 -2.99 -22.25 3.23
CA ASN B 169 -1.90 -21.58 2.54
C ASN B 169 -2.03 -20.05 2.45
N ALA B 170 -2.40 -19.43 3.55
CA ALA B 170 -2.56 -17.98 3.62
C ALA B 170 -3.40 -17.40 2.50
N LEU B 171 -4.57 -17.98 2.26
CA LEU B 171 -5.46 -17.49 1.23
C LEU B 171 -6.72 -16.98 1.91
N HIS B 172 -7.22 -15.84 1.46
CA HIS B 172 -8.41 -15.27 2.05
C HIS B 172 -9.52 -15.08 1.03
N THR B 173 -10.76 -15.13 1.50
CA THR B 173 -11.89 -14.93 0.61
C THR B 173 -13.08 -14.39 1.40
N GLY B 174 -14.08 -13.95 0.66
CA GLY B 174 -15.25 -13.37 1.29
C GLY B 174 -16.32 -13.14 0.25
N THR B 175 -17.20 -12.20 0.51
CA THR B 175 -18.30 -11.89 -0.39
C THR B 175 -18.20 -10.48 -0.94
N ASP B 176 -19.04 -10.17 -1.93
CA ASP B 176 -19.10 -8.82 -2.44
C ASP B 176 -20.16 -8.25 -1.51
N LEU B 177 -20.45 -6.96 -1.60
CA LEU B 177 -21.44 -6.39 -0.69
C LEU B 177 -22.88 -6.80 -0.99
N MET B 178 -23.05 -7.71 -1.95
CA MET B 178 -24.38 -8.22 -2.30
C MET B 178 -24.62 -9.55 -1.59
N GLY B 179 -23.61 -10.01 -0.84
CA GLY B 179 -23.73 -11.25 -0.11
C GLY B 179 -23.26 -12.52 -0.81
N GLU B 180 -22.79 -12.41 -2.04
CA GLU B 180 -22.32 -13.59 -2.77
C GLU B 180 -20.84 -13.85 -2.59
N PHE B 181 -20.49 -15.08 -2.24
CA PHE B 181 -19.11 -15.49 -2.04
C PHE B 181 -18.29 -15.55 -3.33
N TYR B 182 -17.11 -14.95 -3.32
CA TYR B 182 -16.25 -15.03 -4.50
C TYR B 182 -15.82 -16.48 -4.63
N GLY B 183 -15.53 -16.92 -5.86
CA GLY B 183 -15.10 -18.28 -6.08
C GLY B 183 -16.01 -19.40 -5.59
N GLY B 184 -17.25 -19.05 -5.22
CA GLY B 184 -18.17 -20.07 -4.77
C GLY B 184 -17.81 -20.81 -3.49
N TYR B 185 -17.09 -20.15 -2.59
CA TYR B 185 -16.73 -20.78 -1.33
C TYR B 185 -17.91 -20.57 -0.39
N VAL B 186 -17.87 -21.24 0.76
CA VAL B 186 -18.94 -21.09 1.74
C VAL B 186 -18.32 -20.75 3.09
N ASP B 187 -19.09 -20.03 3.90
CA ASP B 187 -18.64 -19.62 5.22
C ASP B 187 -18.72 -20.79 6.22
N GLU B 188 -17.96 -21.84 5.93
CA GLU B 188 -17.92 -23.03 6.78
C GLU B 188 -16.51 -23.59 6.87
N GLU B 189 -16.13 -23.98 8.09
CA GLU B 189 -14.81 -24.54 8.35
C GLU B 189 -14.74 -25.99 7.93
N VAL B 190 -14.53 -26.22 6.64
CA VAL B 190 -14.44 -27.56 6.08
C VAL B 190 -13.56 -27.54 4.85
N ALA B 191 -12.99 -28.69 4.49
CA ALA B 191 -12.14 -28.77 3.31
C ALA B 191 -12.91 -28.29 2.08
N GLN B 192 -12.36 -27.30 1.38
CA GLN B 192 -12.97 -26.76 0.19
C GLN B 192 -11.93 -26.65 -0.93
N ARG B 193 -12.22 -27.28 -2.06
CA ARG B 193 -11.29 -27.24 -3.19
C ARG B 193 -11.03 -25.82 -3.69
N VAL B 194 -9.76 -25.48 -3.82
CA VAL B 194 -9.38 -24.17 -4.31
C VAL B 194 -8.75 -24.35 -5.67
N PRO B 195 -9.44 -23.89 -6.73
CA PRO B 195 -8.93 -24.01 -8.10
C PRO B 195 -7.52 -23.41 -8.21
N PRO B 196 -6.74 -23.86 -9.20
CA PRO B 196 -5.39 -23.32 -9.36
C PRO B 196 -5.41 -21.81 -9.58
N ASP B 197 -4.43 -21.12 -9.01
CA ASP B 197 -4.31 -19.68 -9.14
C ASP B 197 -3.57 -19.38 -10.43
N ASN B 198 -4.19 -18.64 -11.33
CA ASN B 198 -3.52 -18.30 -12.59
C ASN B 198 -2.93 -16.90 -12.56
N LEU B 199 -1.68 -16.78 -13.01
CA LEU B 199 -1.04 -15.48 -13.07
C LEU B 199 -1.88 -14.62 -14.01
N VAL B 200 -2.19 -13.40 -13.57
CA VAL B 200 -3.03 -12.47 -14.33
C VAL B 200 -2.31 -11.81 -15.48
N THR B 201 -2.54 -12.34 -16.67
CA THR B 201 -1.91 -11.84 -17.89
C THR B 201 -2.06 -10.35 -18.10
N ASN B 202 -3.27 -9.81 -17.94
CA ASN B 202 -3.48 -8.38 -18.14
C ASN B 202 -2.60 -7.49 -17.27
N ASN B 203 -2.40 -7.90 -16.02
CA ASN B 203 -1.56 -7.12 -15.11
C ASN B 203 -0.09 -7.31 -15.45
N ILE B 204 0.27 -8.53 -15.86
CA ILE B 204 1.65 -8.81 -16.24
C ILE B 204 2.00 -7.89 -17.41
N VAL B 205 1.05 -7.77 -18.35
CA VAL B 205 1.24 -6.93 -19.51
C VAL B 205 1.44 -5.48 -19.05
N ALA B 206 0.65 -5.06 -18.05
CA ALA B 206 0.76 -3.70 -17.52
C ALA B 206 2.16 -3.51 -16.93
N TRP B 207 2.60 -4.50 -16.16
CA TRP B 207 3.91 -4.45 -15.53
C TRP B 207 5.01 -4.38 -16.58
N LEU B 208 4.86 -5.12 -17.67
CA LEU B 208 5.85 -5.11 -18.74
C LEU B 208 5.91 -3.73 -19.41
N TYR B 209 4.76 -3.12 -19.63
CA TYR B 209 4.74 -1.78 -20.23
C TYR B 209 5.38 -0.76 -19.30
N ALA B 210 5.19 -0.95 -18.00
CA ALA B 210 5.77 -0.05 -17.01
C ALA B 210 7.28 -0.21 -17.08
N ALA B 211 7.73 -1.46 -17.22
CA ALA B 211 9.15 -1.75 -17.31
C ALA B 211 9.73 -1.07 -18.56
N ILE B 212 8.98 -1.14 -19.65
CA ILE B 212 9.39 -0.54 -20.92
C ILE B 212 9.41 0.97 -20.78
N ILE B 213 8.30 1.53 -20.31
CA ILE B 213 8.18 2.97 -20.12
C ILE B 213 9.31 3.52 -19.27
N SER B 214 9.74 2.76 -18.26
CA SER B 214 10.80 3.22 -17.38
C SER B 214 12.19 3.12 -18.00
N VAL B 215 12.32 2.33 -19.05
CA VAL B 215 13.61 2.16 -19.73
C VAL B 215 13.71 3.07 -20.95
N PRO B 223 13.85 -2.94 -24.27
CA PRO B 223 14.56 -3.77 -23.29
C PRO B 223 15.10 -5.03 -23.94
N LYS B 224 16.25 -5.51 -23.47
CA LYS B 224 16.83 -6.71 -24.06
C LYS B 224 16.02 -7.97 -23.78
N TRP B 225 15.08 -7.89 -22.84
CA TRP B 225 14.25 -9.05 -22.53
C TRP B 225 12.98 -9.05 -23.38
N LEU B 226 12.73 -7.95 -24.08
CA LEU B 226 11.54 -7.85 -24.92
C LEU B 226 11.68 -8.71 -26.18
N GLU B 227 10.63 -9.44 -26.51
CA GLU B 227 10.63 -10.29 -27.69
C GLU B 227 10.21 -9.48 -28.92
N SER B 228 10.80 -9.82 -30.07
CA SER B 228 10.47 -9.11 -31.30
C SER B 228 9.36 -9.82 -32.05
N THR B 229 9.30 -11.14 -31.91
CA THR B 229 8.25 -11.92 -32.56
C THR B 229 6.97 -11.74 -31.77
N THR B 230 5.84 -11.87 -32.45
CA THR B 230 4.55 -11.73 -31.79
C THR B 230 3.84 -13.06 -31.75
N VAL B 231 2.77 -13.11 -30.98
CA VAL B 231 1.92 -14.28 -30.84
C VAL B 231 0.54 -13.66 -30.87
N SER B 232 -0.44 -14.35 -31.44
CA SER B 232 -1.79 -13.78 -31.52
C SER B 232 -2.55 -13.99 -30.21
N ILE B 233 -3.53 -13.14 -29.96
CA ILE B 233 -4.35 -13.21 -28.76
C ILE B 233 -5.05 -14.56 -28.65
N GLU B 234 -5.58 -15.04 -29.78
CA GLU B 234 -6.29 -16.31 -29.84
C GLU B 234 -5.34 -17.42 -29.41
N ASP B 235 -4.14 -17.44 -29.99
CA ASP B 235 -3.14 -18.45 -29.67
C ASP B 235 -2.62 -18.33 -28.25
N TYR B 236 -2.28 -17.10 -27.84
CA TYR B 236 -1.79 -16.91 -26.48
C TYR B 236 -2.78 -17.51 -25.51
N ASN B 237 -4.06 -17.20 -25.69
CA ASN B 237 -5.07 -17.71 -24.78
C ASN B 237 -5.18 -19.23 -24.86
N ARG B 238 -4.87 -19.81 -26.01
CA ARG B 238 -4.90 -21.27 -26.13
C ARG B 238 -3.77 -21.79 -25.25
N TRP B 239 -2.60 -21.18 -25.43
CA TRP B 239 -1.40 -21.52 -24.65
C TRP B 239 -1.62 -21.24 -23.16
N ALA B 240 -2.21 -20.08 -22.86
CA ALA B 240 -2.46 -19.70 -21.48
C ALA B 240 -3.29 -20.73 -20.73
N SER B 241 -4.21 -21.38 -21.44
CA SER B 241 -5.07 -22.38 -20.84
C SER B 241 -4.30 -23.58 -20.30
N ASP B 242 -3.17 -23.90 -20.91
CA ASP B 242 -2.37 -25.05 -20.49
C ASP B 242 -1.14 -24.69 -19.66
N ASN B 243 -0.91 -23.41 -19.43
CA ASN B 243 0.29 -23.04 -18.66
C ASN B 243 0.10 -22.21 -17.39
N GLY B 244 -1.13 -22.13 -16.90
CA GLY B 244 -1.40 -21.41 -15.67
C GLY B 244 -1.52 -19.89 -15.71
N PHE B 245 -2.07 -19.35 -16.80
CA PHE B 245 -2.26 -17.92 -16.95
C PHE B 245 -3.72 -17.67 -17.30
N THR B 246 -4.23 -16.49 -16.94
CA THR B 246 -5.59 -16.13 -17.27
C THR B 246 -5.55 -15.67 -18.71
N PRO B 247 -6.72 -15.66 -19.38
CA PRO B 247 -6.70 -15.21 -20.78
C PRO B 247 -6.49 -13.71 -20.87
N PHE B 248 -5.92 -13.27 -21.99
CA PHE B 248 -5.73 -11.85 -22.20
C PHE B 248 -7.01 -11.27 -22.79
N SER B 249 -7.41 -10.11 -22.28
CA SER B 249 -8.60 -9.44 -22.80
C SER B 249 -8.23 -7.97 -22.94
N THR B 250 -8.67 -7.35 -24.02
CA THR B 250 -8.34 -5.95 -24.27
C THR B 250 -8.98 -5.00 -23.28
N SER B 251 -8.31 -3.88 -23.03
CA SER B 251 -8.81 -2.85 -22.13
C SER B 251 -8.34 -1.50 -22.66
N THR B 252 -9.13 -0.46 -22.40
CA THR B 252 -8.78 0.87 -22.87
C THR B 252 -7.43 1.30 -22.30
N ALA B 253 -7.13 0.87 -21.08
CA ALA B 253 -5.86 1.21 -20.45
C ALA B 253 -4.70 0.55 -21.21
N ILE B 254 -4.82 -0.76 -21.46
CA ILE B 254 -3.78 -1.47 -22.19
C ILE B 254 -3.58 -0.81 -23.55
N THR B 255 -4.70 -0.44 -24.20
CA THR B 255 -4.65 0.21 -25.49
C THR B 255 -3.83 1.48 -25.40
N LYS B 256 -4.10 2.28 -24.37
CA LYS B 256 -3.39 3.53 -24.15
C LYS B 256 -1.90 3.26 -23.92
N LEU B 257 -1.61 2.24 -23.12
CA LEU B 257 -0.24 1.87 -22.81
C LEU B 257 0.44 1.45 -24.11
N SER B 258 -0.26 0.67 -24.93
CA SER B 258 0.28 0.23 -26.20
C SER B 258 0.60 1.45 -27.07
N ALA B 259 -0.33 2.40 -27.11
CA ALA B 259 -0.15 3.62 -27.89
C ALA B 259 1.02 4.46 -27.38
N ILE B 260 1.15 4.55 -26.06
CA ILE B 260 2.21 5.32 -25.43
C ILE B 260 3.61 4.82 -25.77
N THR B 261 3.79 3.51 -25.69
CA THR B 261 5.08 2.88 -25.94
C THR B 261 5.33 2.50 -27.39
N GLY B 262 4.26 2.33 -28.16
CA GLY B 262 4.40 1.95 -29.56
C GLY B 262 4.76 0.48 -29.67
N VAL B 263 4.70 -0.22 -28.54
CA VAL B 263 5.02 -1.64 -28.50
C VAL B 263 3.76 -2.51 -28.58
N ASP B 264 3.72 -3.37 -29.59
CA ASP B 264 2.61 -4.28 -29.82
C ASP B 264 2.37 -5.22 -28.65
N VAL B 265 1.15 -5.20 -28.12
CA VAL B 265 0.81 -6.04 -26.98
C VAL B 265 1.12 -7.52 -27.25
N CYS B 266 1.14 -7.89 -28.52
CA CYS B 266 1.42 -9.27 -28.91
C CYS B 266 2.87 -9.66 -28.64
N LYS B 267 3.77 -8.68 -28.59
CA LYS B 267 5.17 -8.96 -28.31
C LYS B 267 5.32 -9.20 -26.81
N LEU B 268 4.48 -8.53 -26.01
CA LEU B 268 4.54 -8.70 -24.57
C LEU B 268 4.02 -10.09 -24.25
N LEU B 269 2.97 -10.51 -24.97
CA LEU B 269 2.39 -11.83 -24.78
C LEU B 269 3.44 -12.89 -25.11
N ARG B 270 4.14 -12.69 -26.23
CA ARG B 270 5.17 -13.64 -26.63
C ARG B 270 6.25 -13.66 -25.55
N THR B 271 6.60 -12.47 -25.05
CA THR B 271 7.61 -12.34 -23.98
C THR B 271 7.20 -13.14 -22.76
N ILE B 272 5.91 -13.12 -22.44
CA ILE B 272 5.41 -13.86 -21.30
C ILE B 272 5.58 -15.36 -21.53
N MET B 273 5.35 -15.80 -22.76
CA MET B 273 5.49 -17.21 -23.07
C MET B 273 6.92 -17.68 -22.86
N VAL B 274 7.87 -16.93 -23.40
CA VAL B 274 9.28 -17.29 -23.26
C VAL B 274 9.75 -17.24 -21.82
N LYS B 275 9.68 -16.06 -21.21
CA LYS B 275 10.12 -15.88 -19.82
C LYS B 275 9.48 -16.91 -18.89
N SER B 276 8.26 -17.33 -19.23
CA SER B 276 7.55 -18.31 -18.43
C SER B 276 8.24 -19.68 -18.44
N ALA B 277 8.71 -20.09 -19.61
CA ALA B 277 9.38 -21.38 -19.75
C ALA B 277 10.74 -21.37 -19.06
N GLN B 278 11.51 -20.33 -19.36
CA GLN B 278 12.85 -20.16 -18.79
C GLN B 278 13.12 -18.65 -18.67
N TRP B 279 13.08 -18.14 -17.44
CA TRP B 279 13.30 -16.72 -17.23
C TRP B 279 14.67 -16.24 -17.69
N GLY B 280 15.70 -17.01 -17.33
CA GLY B 280 17.06 -16.63 -17.71
C GLY B 280 17.67 -15.77 -16.62
N SER B 281 18.79 -15.13 -16.92
CA SER B 281 19.43 -14.28 -15.93
C SER B 281 19.16 -12.80 -16.10
N ASP B 282 18.29 -12.45 -17.05
CA ASP B 282 17.93 -11.05 -17.27
C ASP B 282 16.75 -10.71 -16.39
N PRO B 283 16.92 -9.79 -15.43
CA PRO B 283 15.80 -9.43 -14.55
C PRO B 283 14.94 -8.35 -15.20
N ILE B 284 13.69 -8.27 -14.77
CA ILE B 284 12.76 -7.26 -15.26
C ILE B 284 12.38 -6.45 -14.02
N LEU B 285 12.80 -5.19 -13.99
CA LEU B 285 12.49 -4.34 -12.84
C LEU B 285 12.99 -5.03 -11.57
N GLY B 286 14.20 -5.59 -11.65
CA GLY B 286 14.83 -6.26 -10.52
C GLY B 286 14.37 -7.67 -10.16
N GLN B 287 13.32 -8.15 -10.81
CA GLN B 287 12.77 -9.47 -10.53
C GLN B 287 13.04 -10.57 -11.54
N TYR B 288 12.83 -11.81 -11.10
CA TYR B 288 12.98 -12.99 -11.92
C TYR B 288 11.69 -13.79 -11.82
N ASN B 289 10.60 -13.07 -11.63
CA ASN B 289 9.26 -13.66 -11.55
C ASN B 289 8.29 -12.55 -11.91
N PHE B 290 7.16 -12.92 -12.49
CA PHE B 290 6.17 -11.94 -12.91
C PHE B 290 5.43 -11.25 -11.77
N GLU B 291 5.18 -9.97 -11.93
CA GLU B 291 4.42 -9.20 -10.97
C GLU B 291 3.08 -9.14 -11.68
N ASP B 292 2.02 -9.60 -11.03
CA ASP B 292 0.70 -9.58 -11.68
C ASP B 292 -0.38 -8.90 -10.83
N GLU B 293 0.05 -8.05 -9.90
CA GLU B 293 -0.93 -7.35 -9.06
C GLU B 293 -0.89 -5.83 -9.30
N LEU B 294 -0.23 -5.44 -10.39
CA LEU B 294 -0.16 -4.04 -10.81
C LEU B 294 -1.05 -4.02 -12.07
N THR B 295 -2.12 -3.22 -12.03
CA THR B 295 -3.06 -3.17 -13.16
C THR B 295 -2.75 -2.17 -14.27
N PRO B 296 -3.40 -2.33 -15.43
CA PRO B 296 -3.19 -1.43 -16.57
C PRO B 296 -3.62 -0.02 -16.16
N GLU B 297 -4.75 0.06 -15.47
CA GLU B 297 -5.30 1.32 -14.99
C GLU B 297 -4.29 2.04 -14.11
N SER B 298 -3.71 1.32 -13.16
CA SER B 298 -2.75 1.88 -12.24
C SER B 298 -1.45 2.35 -12.91
N VAL B 299 -0.94 1.56 -13.87
CA VAL B 299 0.28 1.98 -14.57
C VAL B 299 0.00 3.24 -15.39
N PHE B 300 -1.13 3.26 -16.08
CA PHE B 300 -1.53 4.40 -16.90
C PHE B 300 -1.63 5.67 -16.04
N ASN B 301 -2.21 5.52 -14.87
CA ASN B 301 -2.36 6.62 -13.93
C ASN B 301 -1.01 7.17 -13.52
N GLN B 302 0.00 6.31 -13.47
CA GLN B 302 1.32 6.72 -13.02
C GLN B 302 2.27 7.23 -14.10
N VAL B 303 1.76 7.42 -15.31
CA VAL B 303 2.57 7.94 -16.41
C VAL B 303 2.16 9.38 -16.59
N GLY B 304 0.87 9.63 -16.45
CA GLY B 304 0.32 10.96 -16.60
C GLY B 304 -1.18 10.90 -16.35
C4 02J C 1 20.67 14.87 -14.76
C5 02J C 1 21.80 15.49 -15.29
C6 02J C 1 22.73 14.88 -16.30
O1 02J C 1 21.95 16.74 -14.76
N 02J C 1 20.85 16.96 -13.83
CA 02J C 1 20.12 15.80 -13.85
C 02J C 1 18.88 15.58 -13.04
O 02J C 1 17.98 14.84 -13.48
N ALA C 2 18.81 16.27 -11.89
CA ALA C 2 17.68 16.24 -10.96
C ALA C 2 16.56 17.09 -11.45
N VAL C 3 15.29 16.67 -11.19
CA VAL C 3 14.09 17.37 -11.57
C VAL C 3 13.32 17.66 -10.32
N LEU C 4 12.98 18.94 -10.20
CA LEU C 4 12.19 19.39 -9.07
C LEU C 4 10.77 18.98 -9.34
CA PJE C 5 8.73 17.91 -8.67
C20 PJE C 5 7.76 18.78 -7.80
C21 PJE C 5 7.81 20.25 -8.29
C PJE C 5 7.03 20.43 -9.59
C25 PJE C 5 8.61 16.45 -8.35
C26 PJE C 5 9.36 15.66 -9.43
C27 PJE C 5 8.76 15.83 -10.85
C28 PJE C 5 8.75 14.43 -11.50
N6 PJE C 5 8.98 13.59 -10.32
C29 PJE C 5 9.30 14.17 -9.18
O8 PJE C 5 9.51 13.56 -8.13
N PJE C 5 10.12 18.30 -8.39
O PJE C 5 6.22 19.62 -9.97
C 010 C 6 6.45 21.90 -11.55
O 010 C 6 7.22 21.65 -10.35
C1 010 C 6 7.88 20.07 -12.59
C2 010 C 6 8.37 19.36 -13.71
C3 010 C 6 7.94 19.79 -14.99
C4 010 C 6 7.03 20.86 -15.12
C5 010 C 6 6.56 21.56 -14.01
C6 010 C 6 6.98 21.15 -12.74
C4 02J D 1 -8.92 -27.62 5.62
C5 02J D 1 -9.14 -28.97 5.91
C6 02J D 1 -8.40 -30.10 5.25
O1 02J D 1 -10.11 -29.13 6.85
N 02J D 1 -10.54 -27.80 7.22
CA 02J D 1 -9.82 -26.92 6.44
C 02J D 1 -9.94 -25.43 6.53
O 02J D 1 -9.08 -24.85 7.19
N ALA D 2 -10.95 -24.78 5.94
CA ALA D 2 -11.10 -23.33 6.04
C ALA D 2 -11.38 -22.89 7.46
N VAL D 3 -11.06 -21.63 7.83
CA VAL D 3 -11.23 -21.02 9.16
C VAL D 3 -11.91 -19.67 9.01
N LEU D 4 -12.89 -19.39 9.86
CA LEU D 4 -13.60 -18.12 9.83
C LEU D 4 -12.78 -17.12 10.60
CA PJE D 5 -11.80 -14.97 10.82
C20 PJE D 5 -12.72 -13.84 11.26
C21 PJE D 5 -13.75 -14.21 12.33
C PJE D 5 -14.02 -12.96 13.12
C25 PJE D 5 -10.73 -14.41 9.89
C26 PJE D 5 -9.62 -15.41 9.71
C27 PJE D 5 -8.72 -15.55 10.95
C28 PJE D 5 -7.39 -16.08 10.40
N6 PJE D 5 -7.45 -15.54 9.04
C29 PJE D 5 -8.63 -15.05 8.65
O8 PJE D 5 -8.89 -14.43 7.64
N PJE D 5 -12.60 -15.91 10.06
O PJE D 5 -13.47 -11.92 12.80
C 010 D 6 -16.24 -13.39 14.28
O 010 D 6 -14.87 -13.00 14.32
C1 010 D 6 -15.67 -14.53 16.49
C2 010 D 6 -16.00 -15.35 17.56
C3 010 D 6 -17.28 -15.92 17.61
C4 010 D 6 -18.20 -15.67 16.58
C5 010 D 6 -17.87 -14.85 15.50
C6 010 D 6 -16.60 -14.28 15.46
#